data_5D0J
#
_entry.id   5D0J
#
_cell.length_a   33.980
_cell.length_b   94.040
_cell.length_c   131.490
_cell.angle_alpha   90.000
_cell.angle_beta   90.000
_cell.angle_gamma   90.000
#
_symmetry.space_group_name_H-M   'P 21 21 21'
#
loop_
_entity.id
_entity.type
_entity.pdbx_description
1 polymer 'Growth factor receptor-bound protein 7'
2 polymer 'G7-TEdFP peptide'
3 non-polymer 'PHOSPHATE ION'
4 water water
#
loop_
_entity_poly.entity_id
_entity_poly.type
_entity_poly.pdbx_seq_one_letter_code
_entity_poly.pdbx_strand_id
1 'polypeptide(L)'
;GSPASGTSLSAAIHRTQLWFHGRISREESQRLIGQQGLVDGLFLVRESQRNPQGFVLSLCHLQKVKHYLILPSEEEGRLY
FSMDDGQTRFTDLLQLVEFHQLNRGILPCLLRHCCTRVAL
;
A,B,C,D
2 'polypeptide(L)' SFEGYDNSC L,M
#
# COMPACT_ATOMS: atom_id res chain seq x y z
N HIS A 14 -4.71 1.57 3.90
CA HIS A 14 -3.76 1.20 2.86
C HIS A 14 -4.41 0.56 1.62
N ARG A 15 -5.73 0.43 1.64
CA ARG A 15 -6.44 -0.37 0.63
C ARG A 15 -7.16 0.43 -0.48
N THR A 16 -6.54 0.50 -1.64
CA THR A 16 -7.11 1.12 -2.85
C THR A 16 -7.15 0.02 -3.91
N GLN A 17 -7.08 -1.22 -3.46
CA GLN A 17 -7.00 -2.39 -4.32
C GLN A 17 -8.35 -2.72 -4.97
N LEU A 18 -8.30 -3.36 -6.12
CA LEU A 18 -9.50 -3.67 -6.89
C LEU A 18 -10.42 -4.62 -6.19
N TRP A 19 -9.86 -5.54 -5.41
CA TRP A 19 -10.63 -6.57 -4.77
C TRP A 19 -11.28 -6.08 -3.47
N PHE A 20 -11.02 -4.83 -3.10
CA PHE A 20 -11.64 -4.29 -1.88
C PHE A 20 -12.80 -3.37 -2.18
N HIS A 21 -13.97 -3.72 -1.65
CA HIS A 21 -15.22 -3.04 -1.97
C HIS A 21 -15.85 -2.31 -0.80
N GLY A 22 -15.13 -2.23 0.32
CA GLY A 22 -15.60 -1.45 1.45
C GLY A 22 -16.85 -1.96 2.13
N ARG A 23 -17.72 -1.02 2.50
CA ARG A 23 -18.96 -1.34 3.17
C ARG A 23 -20.05 -1.69 2.17
N ILE A 24 -20.11 -2.97 1.80
CA ILE A 24 -21.20 -3.48 0.98
C ILE A 24 -21.76 -4.71 1.67
N SER A 25 -22.98 -5.06 1.31
CA SER A 25 -23.65 -6.19 1.95
C SER A 25 -23.20 -7.54 1.41
N ARG A 26 -23.58 -8.56 2.15
CA ARG A 26 -23.38 -9.93 1.76
C ARG A 26 -24.19 -10.26 0.50
N GLU A 27 -25.42 -9.74 0.43
CA GLU A 27 -26.25 -9.95 -0.73
C GLU A 27 -25.63 -9.26 -1.95
N GLU A 28 -25.10 -8.05 -1.75
CA GLU A 28 -24.44 -7.32 -2.83
C GLU A 28 -23.19 -8.06 -3.32
N SER A 29 -22.42 -8.60 -2.37
CA SER A 29 -21.22 -9.34 -2.74
C SER A 29 -21.60 -10.58 -3.51
N GLN A 30 -22.74 -11.17 -3.16
CA GLN A 30 -23.22 -12.37 -3.84
C GLN A 30 -23.59 -12.04 -5.27
N ARG A 31 -24.18 -10.87 -5.47
CA ARG A 31 -24.56 -10.44 -6.81
C ARG A 31 -23.33 -10.06 -7.63
N LEU A 32 -22.39 -9.37 -7.01
CA LEU A 32 -21.21 -8.90 -7.71
C LEU A 32 -20.40 -10.06 -8.21
N ILE A 33 -20.21 -11.06 -7.35
CA ILE A 33 -19.43 -12.24 -7.73
C ILE A 33 -20.13 -13.02 -8.83
N GLY A 34 -21.46 -13.14 -8.70
CA GLY A 34 -22.25 -13.84 -9.69
C GLY A 34 -22.18 -13.15 -11.04
N GLN A 35 -22.32 -11.82 -11.00
CA GLN A 35 -22.30 -11.00 -12.21
C GLN A 35 -20.99 -11.11 -12.95
N GLN A 36 -19.91 -11.31 -12.22
CA GLN A 36 -18.58 -11.34 -12.81
C GLN A 36 -18.17 -12.72 -13.35
N GLY A 37 -19.01 -13.73 -13.20
CA GLY A 37 -18.70 -15.03 -13.76
C GLY A 37 -18.92 -16.27 -12.90
N LEU A 38 -18.86 -16.13 -11.58
CA LEU A 38 -19.07 -17.26 -10.67
C LEU A 38 -18.03 -18.35 -10.93
N VAL A 39 -16.86 -17.93 -11.39
CA VAL A 39 -15.71 -18.82 -11.61
C VAL A 39 -15.02 -19.18 -10.29
N ASP A 40 -14.41 -20.36 -10.21
CA ASP A 40 -13.67 -20.72 -8.99
C ASP A 40 -12.45 -19.82 -8.81
N GLY A 41 -12.27 -19.33 -7.58
CA GLY A 41 -11.17 -18.44 -7.25
C GLY A 41 -11.52 -16.97 -7.28
N LEU A 42 -12.69 -16.66 -7.84
CA LEU A 42 -13.19 -15.30 -7.92
C LEU A 42 -13.52 -14.80 -6.51
N PHE A 43 -13.02 -13.61 -6.16
CA PHE A 43 -13.13 -13.15 -4.78
C PHE A 43 -13.18 -11.65 -4.64
N LEU A 44 -13.64 -11.21 -3.47
CA LEU A 44 -13.55 -9.81 -3.07
C LEU A 44 -13.35 -9.76 -1.57
N VAL A 45 -12.95 -8.59 -1.06
CA VAL A 45 -12.90 -8.37 0.37
C VAL A 45 -13.78 -7.18 0.71
N ARG A 46 -14.49 -7.26 1.84
CA ARG A 46 -15.40 -6.19 2.24
C ARG A 46 -15.37 -5.98 3.75
N GLU A 47 -16.04 -4.93 4.22
CA GLU A 47 -16.23 -4.73 5.65
C GLU A 47 -17.46 -5.54 6.11
N SER A 48 -17.35 -6.20 7.27
CA SER A 48 -18.43 -7.01 7.82
C SER A 48 -19.57 -6.17 8.37
N GLN A 49 -20.81 -6.48 7.97
CA GLN A 49 -21.97 -5.76 8.47
C GLN A 49 -22.30 -6.20 9.89
N ARG A 50 -22.13 -7.49 10.15
CA ARG A 50 -22.41 -8.07 11.47
C ARG A 50 -21.22 -7.84 12.43
N ASN A 51 -20.03 -7.65 11.87
CA ASN A 51 -18.85 -7.38 12.68
C ASN A 51 -18.11 -6.17 12.15
N PRO A 52 -18.50 -4.96 12.59
CA PRO A 52 -17.91 -3.77 11.96
C PRO A 52 -16.42 -3.64 12.24
N GLN A 53 -15.94 -4.41 13.22
CA GLN A 53 -14.54 -4.40 13.58
C GLN A 53 -13.68 -4.97 12.46
N GLY A 54 -14.14 -6.06 11.87
CA GLY A 54 -13.35 -6.75 10.87
C GLY A 54 -13.86 -6.76 9.43
N PHE A 55 -13.32 -7.70 8.68
CA PHE A 55 -13.58 -7.80 7.25
C PHE A 55 -14.04 -9.17 6.84
N VAL A 56 -14.61 -9.28 5.65
CA VAL A 56 -15.06 -10.57 5.15
C VAL A 56 -14.44 -10.87 3.77
N LEU A 57 -13.83 -12.04 3.64
CA LEU A 57 -13.38 -12.51 2.33
C LEU A 57 -14.51 -13.29 1.68
N SER A 58 -15.05 -12.74 0.59
CA SER A 58 -16.11 -13.41 -0.16
C SER A 58 -15.47 -14.14 -1.33
N LEU A 59 -15.60 -15.46 -1.31
CA LEU A 59 -14.90 -16.33 -2.22
C LEU A 59 -15.84 -17.24 -2.97
N CYS A 60 -15.58 -17.43 -4.26
CA CYS A 60 -16.41 -18.30 -5.07
C CYS A 60 -15.73 -19.66 -5.30
N HIS A 61 -16.48 -20.72 -5.00
CA HIS A 61 -15.99 -22.08 -5.12
C HIS A 61 -17.14 -23.02 -5.48
N LEU A 62 -16.99 -23.73 -6.59
CA LEU A 62 -18.00 -24.68 -7.04
C LEU A 62 -19.35 -23.99 -7.20
N GLN A 63 -19.33 -22.82 -7.84
CA GLN A 63 -20.53 -22.06 -8.18
C GLN A 63 -21.31 -21.55 -6.95
N LYS A 64 -20.68 -21.61 -5.78
CA LYS A 64 -21.29 -21.12 -4.55
C LYS A 64 -20.38 -20.08 -3.91
N VAL A 65 -20.97 -19.08 -3.27
CA VAL A 65 -20.17 -18.08 -2.60
C VAL A 65 -20.12 -18.29 -1.09
N LYS A 66 -18.92 -18.52 -0.57
CA LYS A 66 -18.70 -18.71 0.85
C LYS A 66 -18.08 -17.43 1.45
N HIS A 67 -18.32 -17.19 2.72
CA HIS A 67 -17.82 -15.99 3.38
C HIS A 67 -16.88 -16.30 4.56
N TYR A 68 -15.71 -15.68 4.58
CA TYR A 68 -14.72 -15.95 5.63
C TYR A 68 -14.45 -14.68 6.44
N LEU A 69 -14.71 -14.74 7.74
CA LEU A 69 -14.52 -13.58 8.59
C LEU A 69 -13.03 -13.30 8.86
N ILE A 70 -12.63 -12.04 8.77
CA ILE A 70 -11.27 -11.64 9.04
C ILE A 70 -11.25 -10.71 10.25
N LEU A 71 -10.70 -11.18 11.36
CA LEU A 71 -10.71 -10.42 12.61
C LEU A 71 -9.34 -9.82 12.83
N PRO A 72 -9.31 -8.56 13.28
CA PRO A 72 -8.13 -7.80 13.64
C PRO A 72 -7.73 -8.09 15.09
N SER A 73 -6.47 -7.84 15.44
CA SER A 73 -6.03 -7.92 16.84
C SER A 73 -4.88 -6.96 16.98
N GLU A 74 -4.47 -6.68 18.20
CA GLU A 74 -3.36 -5.77 18.43
C GLU A 74 -2.37 -6.32 19.43
N GLU A 75 -1.12 -6.39 19.04
CA GLU A 75 -0.05 -6.78 19.95
C GLU A 75 1.06 -5.73 19.80
N GLU A 76 1.52 -5.20 20.94
CA GLU A 76 2.60 -4.21 20.96
C GLU A 76 2.25 -2.91 20.22
N GLY A 77 0.95 -2.71 19.96
CA GLY A 77 0.47 -1.49 19.32
C GLY A 77 0.45 -1.58 17.81
N ARG A 78 0.75 -2.76 17.28
CA ARG A 78 0.75 -3.00 15.84
C ARG A 78 -0.44 -3.89 15.45
N LEU A 79 -1.18 -3.47 14.45
CA LEU A 79 -2.36 -4.22 14.01
C LEU A 79 -1.99 -5.41 13.13
N TYR A 80 -2.72 -6.51 13.30
CA TYR A 80 -2.57 -7.69 12.46
C TYR A 80 -3.92 -8.40 12.30
N PHE A 81 -4.04 -9.17 11.22
CA PHE A 81 -5.27 -9.87 10.87
C PHE A 81 -5.15 -11.40 10.85
N SER A 82 -6.28 -12.08 11.05
CA SER A 82 -6.29 -13.54 11.03
C SER A 82 -7.65 -14.05 10.61
N MET A 83 -7.66 -15.20 9.92
CA MET A 83 -8.89 -15.91 9.52
C MET A 83 -9.07 -17.23 10.27
N ASP A 84 -8.17 -17.52 11.20
CA ASP A 84 -8.21 -18.81 11.89
C ASP A 84 -8.05 -18.70 13.39
N ASP A 85 -8.74 -17.71 13.96
CA ASP A 85 -8.75 -17.45 15.41
C ASP A 85 -7.34 -17.17 15.98
N GLY A 86 -6.51 -16.54 15.17
CA GLY A 86 -5.20 -16.04 15.57
C GLY A 86 -4.05 -17.00 15.31
N GLN A 87 -4.42 -18.19 14.85
CA GLN A 87 -3.48 -19.24 14.53
C GLN A 87 -2.58 -18.89 13.32
N THR A 88 -3.10 -18.14 12.36
CA THR A 88 -2.31 -17.62 11.23
C THR A 88 -2.55 -16.12 11.12
N ARG A 89 -1.50 -15.33 11.28
CA ARG A 89 -1.64 -13.89 11.32
C ARG A 89 -0.97 -13.19 10.13
N PHE A 90 -1.46 -12.02 9.77
CA PHE A 90 -0.96 -11.27 8.62
C PHE A 90 -0.86 -9.78 8.98
N THR A 91 0.16 -9.12 8.46
CA THR A 91 0.40 -7.72 8.81
C THR A 91 -0.65 -6.80 8.20
N ASP A 92 -1.14 -7.16 7.02
CA ASP A 92 -2.13 -6.37 6.29
C ASP A 92 -3.05 -7.31 5.50
N LEU A 93 -4.19 -6.80 5.04
CA LEU A 93 -5.13 -7.58 4.23
C LEU A 93 -4.51 -7.95 2.90
N LEU A 94 -3.65 -7.06 2.41
CA LEU A 94 -2.96 -7.28 1.15
C LEU A 94 -2.04 -8.50 1.27
N GLN A 95 -1.38 -8.64 2.42
CA GLN A 95 -0.52 -9.79 2.64
C GLN A 95 -1.37 -11.04 2.74
N LEU A 96 -2.54 -10.91 3.36
CA LEU A 96 -3.45 -12.03 3.50
C LEU A 96 -3.90 -12.48 2.12
N VAL A 97 -4.22 -11.52 1.26
CA VAL A 97 -4.68 -11.86 -0.09
C VAL A 97 -3.59 -12.45 -0.97
N GLU A 98 -2.42 -11.83 -1.00
CA GLU A 98 -1.32 -12.31 -1.85
C GLU A 98 -0.91 -13.70 -1.40
N PHE A 99 -0.97 -13.93 -0.10
CA PHE A 99 -0.60 -15.23 0.45
C PHE A 99 -1.59 -16.31 0.03
N HIS A 100 -2.88 -16.01 0.03
CA HIS A 100 -3.85 -17.05 -0.32
C HIS A 100 -4.07 -17.15 -1.82
N GLN A 101 -3.26 -16.43 -2.59
CA GLN A 101 -3.20 -16.63 -4.04
C GLN A 101 -2.24 -17.76 -4.37
N LEU A 102 -1.42 -18.15 -3.40
CA LEU A 102 -0.46 -19.23 -3.59
C LEU A 102 -0.72 -20.40 -2.67
N ASN A 103 -1.32 -20.10 -1.53
CA ASN A 103 -1.55 -21.09 -0.50
C ASN A 103 -3.04 -21.25 -0.19
N ARG A 104 -3.45 -22.49 -0.01
CA ARG A 104 -4.84 -22.84 0.25
C ARG A 104 -5.29 -22.32 1.61
N GLY A 105 -4.47 -22.55 2.63
CA GLY A 105 -4.83 -22.17 3.99
C GLY A 105 -6.08 -22.91 4.41
N ILE A 106 -7.07 -22.17 4.89
CA ILE A 106 -8.36 -22.74 5.28
C ILE A 106 -9.39 -22.67 4.15
N LEU A 107 -8.99 -22.09 3.02
CA LEU A 107 -9.89 -21.90 1.89
C LEU A 107 -9.99 -23.19 1.08
N PRO A 108 -11.14 -23.42 0.43
CA PRO A 108 -11.38 -24.57 -0.43
C PRO A 108 -10.61 -24.48 -1.75
N CYS A 109 -10.19 -23.27 -2.10
CA CYS A 109 -9.41 -23.05 -3.31
C CYS A 109 -8.54 -21.82 -3.20
N LEU A 110 -7.67 -21.62 -4.17
CA LEU A 110 -6.79 -20.45 -4.17
C LEU A 110 -7.53 -19.21 -4.66
N LEU A 111 -7.07 -18.03 -4.24
CA LEU A 111 -7.64 -16.80 -4.75
C LEU A 111 -7.07 -16.56 -6.13
N ARG A 112 -7.91 -16.70 -7.15
CA ARG A 112 -7.43 -16.57 -8.53
C ARG A 112 -7.83 -15.25 -9.18
N HIS A 113 -9.11 -14.86 -9.08
CA HIS A 113 -9.60 -13.69 -9.82
C HIS A 113 -10.21 -12.59 -8.96
N CYS A 114 -9.77 -11.36 -9.18
CA CYS A 114 -10.32 -10.22 -8.44
C CYS A 114 -11.68 -9.81 -8.98
N CYS A 115 -12.62 -9.60 -8.07
CA CYS A 115 -13.91 -9.12 -8.46
C CYS A 115 -13.96 -7.62 -8.25
N THR A 116 -14.13 -6.88 -9.35
CA THR A 116 -14.11 -5.43 -9.31
C THR A 116 -15.49 -4.87 -9.55
N ARG A 117 -15.66 -3.57 -9.36
CA ARG A 117 -16.96 -2.96 -9.61
C ARG A 117 -17.01 -2.70 -11.11
N VAL A 118 -18.18 -2.49 -11.62
CA VAL A 118 -18.36 -2.27 -13.03
C VAL A 118 -17.67 -1.05 -13.56
N ALA A 119 -17.28 -1.04 -14.83
CA ALA A 119 -16.68 0.17 -15.38
C ALA A 119 -17.72 0.97 -16.18
N SER B 10 8.34 -10.64 -7.11
CA SER B 10 9.65 -10.37 -7.70
C SER B 10 10.76 -11.14 -7.00
N ALA B 11 11.79 -11.48 -7.76
CA ALA B 11 12.96 -12.17 -7.25
C ALA B 11 14.18 -11.27 -7.24
N ALA B 12 13.94 -9.97 -7.10
CA ALA B 12 15.02 -9.00 -7.07
C ALA B 12 14.82 -7.96 -5.97
N ILE B 13 13.64 -7.99 -5.35
CA ILE B 13 13.28 -7.01 -4.32
C ILE B 13 14.16 -7.10 -3.07
N HIS B 14 14.61 -8.30 -2.76
CA HIS B 14 15.38 -8.60 -1.57
C HIS B 14 16.83 -8.17 -1.59
N ARG B 15 17.34 -7.59 -2.67
CA ARG B 15 18.80 -7.53 -2.75
C ARG B 15 19.34 -6.22 -2.13
N THR B 16 18.45 -5.33 -1.70
CA THR B 16 18.82 -4.09 -1.03
C THR B 16 18.24 -3.98 0.38
N GLN B 17 17.75 -5.08 0.94
CA GLN B 17 17.20 -5.08 2.30
C GLN B 17 18.30 -5.15 3.35
N LEU B 18 18.03 -4.68 4.57
CA LEU B 18 19.06 -4.70 5.63
C LEU B 18 19.42 -6.14 5.99
N TRP B 19 18.42 -7.02 5.98
CA TRP B 19 18.60 -8.39 6.41
C TRP B 19 19.18 -9.27 5.31
N PHE B 20 19.44 -8.70 4.14
CA PHE B 20 20.03 -9.49 3.05
C PHE B 20 21.54 -9.23 2.89
N HIS B 21 22.33 -10.29 2.93
CA HIS B 21 23.78 -10.17 2.94
C HIS B 21 24.50 -10.75 1.71
N GLY B 22 23.75 -11.16 0.69
CA GLY B 22 24.33 -11.65 -0.54
C GLY B 22 25.10 -12.95 -0.41
N ARG B 23 26.18 -13.08 -1.18
CA ARG B 23 26.99 -14.31 -1.17
C ARG B 23 28.03 -14.28 -0.05
N ILE B 24 27.66 -14.78 1.11
CA ILE B 24 28.61 -14.91 2.20
C ILE B 24 28.60 -16.36 2.65
N SER B 25 29.66 -16.77 3.31
CA SER B 25 29.79 -18.16 3.70
C SER B 25 28.89 -18.47 4.89
N ARG B 26 28.70 -19.75 5.12
CA ARG B 26 27.95 -20.23 6.25
C ARG B 26 28.68 -19.81 7.52
N GLU B 27 30.01 -19.85 7.47
CA GLU B 27 30.84 -19.42 8.59
C GLU B 27 30.72 -17.90 8.84
N GLU B 28 30.65 -17.12 7.78
CA GLU B 28 30.50 -15.67 7.91
C GLU B 28 29.17 -15.29 8.57
N SER B 29 28.10 -15.99 8.19
CA SER B 29 26.78 -15.71 8.75
C SER B 29 26.70 -16.05 10.24
N GLN B 30 27.38 -17.11 10.64
CA GLN B 30 27.40 -17.52 12.04
C GLN B 30 28.16 -16.49 12.90
N ARG B 31 29.21 -15.92 12.31
CA ARG B 31 29.99 -14.90 12.96
C ARG B 31 29.17 -13.61 13.11
N LEU B 32 28.43 -13.26 12.07
CA LEU B 32 27.64 -12.03 12.08
C LEU B 32 26.55 -12.09 13.14
N ILE B 33 25.88 -13.24 13.22
CA ILE B 33 24.82 -13.46 14.19
C ILE B 33 25.41 -13.48 15.60
N GLY B 34 26.59 -14.09 15.73
CA GLY B 34 27.27 -14.11 17.01
C GLY B 34 27.65 -12.70 17.48
N GLN B 35 28.20 -11.89 16.58
CA GLN B 35 28.54 -10.51 16.90
C GLN B 35 27.29 -9.73 17.25
N GLN B 36 26.16 -10.15 16.74
CA GLN B 36 24.95 -9.42 17.01
C GLN B 36 24.28 -9.85 18.27
N GLY B 37 24.81 -10.87 18.90
CA GLY B 37 24.29 -11.25 20.20
C GLY B 37 23.97 -12.71 20.46
N LEU B 38 23.67 -13.45 19.40
CA LEU B 38 23.22 -14.83 19.53
C LEU B 38 21.88 -14.87 20.28
N VAL B 39 21.12 -13.78 20.15
CA VAL B 39 19.77 -13.69 20.70
C VAL B 39 18.74 -14.47 19.85
N ASP B 40 17.70 -14.99 20.50
CA ASP B 40 16.66 -15.73 19.79
C ASP B 40 15.86 -14.86 18.80
N GLY B 41 15.66 -15.39 17.60
CA GLY B 41 14.93 -14.64 16.59
C GLY B 41 15.83 -13.85 15.67
N LEU B 42 17.10 -13.78 16.03
CA LEU B 42 18.08 -13.06 15.24
C LEU B 42 18.24 -13.77 13.90
N PHE B 43 18.20 -13.03 12.80
CA PHE B 43 18.22 -13.67 11.50
C PHE B 43 18.78 -12.81 10.37
N LEU B 44 19.22 -13.49 9.33
CA LEU B 44 19.59 -12.84 8.09
C LEU B 44 19.26 -13.78 6.93
N VAL B 45 19.24 -13.24 5.72
CA VAL B 45 19.04 -14.00 4.50
C VAL B 45 20.24 -13.82 3.57
N ARG B 46 20.65 -14.89 2.90
CA ARG B 46 21.81 -14.81 2.02
C ARG B 46 21.63 -15.73 0.81
N GLU B 47 22.52 -15.60 -0.17
CA GLU B 47 22.60 -16.58 -1.25
C GLU B 47 23.52 -17.70 -0.80
N SER B 48 23.13 -18.94 -1.04
CA SER B 48 23.96 -20.07 -0.65
C SER B 48 25.17 -20.15 -1.56
N GLN B 49 26.36 -20.26 -0.98
CA GLN B 49 27.57 -20.39 -1.79
C GLN B 49 27.63 -21.81 -2.37
N ARG B 50 27.15 -22.78 -1.60
CA ARG B 50 27.18 -24.18 -2.04
C ARG B 50 26.04 -24.48 -3.03
N ASN B 51 24.92 -23.80 -2.87
CA ASN B 51 23.78 -23.93 -3.77
C ASN B 51 23.29 -22.55 -4.18
N PRO B 52 23.91 -21.97 -5.22
CA PRO B 52 23.67 -20.59 -5.67
C PRO B 52 22.31 -20.36 -6.29
N GLN B 53 21.58 -21.45 -6.51
CA GLN B 53 20.24 -21.36 -7.08
C GLN B 53 19.26 -20.65 -6.12
N GLY B 54 19.31 -21.04 -4.85
CA GLY B 54 18.40 -20.49 -3.86
C GLY B 54 19.08 -19.70 -2.75
N PHE B 55 18.35 -19.52 -1.65
CA PHE B 55 18.80 -18.68 -0.56
C PHE B 55 18.79 -19.38 0.76
N VAL B 56 19.42 -18.76 1.73
CA VAL B 56 19.45 -19.39 3.02
C VAL B 56 18.94 -18.42 4.07
N LEU B 57 17.94 -18.86 4.84
CA LEU B 57 17.55 -18.14 6.02
C LEU B 57 18.37 -18.68 7.20
N SER B 58 19.25 -17.84 7.73
CA SER B 58 20.07 -18.18 8.88
C SER B 58 19.46 -17.62 10.14
N LEU B 59 19.07 -18.50 11.04
CA LEU B 59 18.31 -18.08 12.22
C LEU B 59 19.00 -18.54 13.48
N CYS B 60 18.96 -17.70 14.50
CA CYS B 60 19.53 -18.11 15.77
C CYS B 60 18.44 -18.53 16.76
N HIS B 61 18.62 -19.71 17.36
CA HIS B 61 17.68 -20.23 18.34
C HIS B 61 18.47 -21.08 19.34
N LEU B 62 18.39 -20.69 20.62
CA LEU B 62 19.10 -21.37 21.72
C LEU B 62 20.62 -21.37 21.50
N GLN B 63 21.17 -20.19 21.21
CA GLN B 63 22.62 -19.98 21.03
C GLN B 63 23.17 -20.76 19.83
N LYS B 64 22.30 -21.29 18.97
CA LYS B 64 22.73 -22.06 17.81
C LYS B 64 22.17 -21.43 16.56
N VAL B 65 22.96 -21.46 15.50
CA VAL B 65 22.51 -20.92 14.23
C VAL B 65 22.04 -22.04 13.31
N LYS B 66 20.76 -22.00 12.93
CA LYS B 66 20.22 -22.99 12.02
C LYS B 66 20.12 -22.37 10.63
N HIS B 67 20.28 -23.19 9.60
CA HIS B 67 20.23 -22.71 8.23
C HIS B 67 19.12 -23.38 7.47
N TYR B 68 18.22 -22.57 6.91
CA TYR B 68 17.06 -23.08 6.19
C TYR B 68 17.08 -22.72 4.72
N LEU B 69 17.04 -23.73 3.87
CA LEU B 69 17.08 -23.51 2.43
C LEU B 69 15.78 -22.96 1.86
N ILE B 70 15.91 -21.94 1.03
CA ILE B 70 14.78 -21.33 0.35
C ILE B 70 14.99 -21.45 -1.16
N LEU B 71 14.22 -22.30 -1.82
CA LEU B 71 14.42 -22.46 -3.25
C LEU B 71 13.30 -21.86 -4.08
N PRO B 72 13.65 -21.31 -5.24
CA PRO B 72 12.62 -20.79 -6.15
C PRO B 72 12.00 -21.91 -6.95
N SER B 73 10.75 -21.74 -7.35
CA SER B 73 10.06 -22.72 -8.17
C SER B 73 8.92 -22.03 -8.92
N GLU B 74 8.14 -22.81 -9.67
CA GLU B 74 7.00 -22.29 -10.44
C GLU B 74 5.73 -23.09 -10.14
N GLU B 76 3.22 -22.81 -12.37
CA GLU B 76 2.18 -22.20 -13.20
C GLU B 76 2.73 -21.04 -14.01
N GLY B 77 4.06 -20.95 -14.09
CA GLY B 77 4.72 -19.91 -14.85
C GLY B 77 4.93 -18.67 -13.99
N ARG B 78 4.56 -18.81 -12.72
CA ARG B 78 4.74 -17.74 -11.74
C ARG B 78 5.83 -18.15 -10.76
N LEU B 79 6.80 -17.28 -10.53
CA LEU B 79 7.90 -17.65 -9.64
C LEU B 79 7.47 -17.52 -8.18
N TYR B 80 7.88 -18.50 -7.37
CA TYR B 80 7.59 -18.43 -5.94
C TYR B 80 8.72 -19.11 -5.14
N PHE B 81 8.83 -18.75 -3.87
CA PHE B 81 9.87 -19.30 -3.02
C PHE B 81 9.29 -20.15 -1.90
N SER B 82 10.06 -21.14 -1.46
CA SER B 82 9.54 -22.03 -0.43
C SER B 82 10.67 -22.67 0.36
N MET B 83 10.39 -22.93 1.64
CA MET B 83 11.33 -23.58 2.55
C MET B 83 10.89 -25.01 2.84
N ASP B 84 9.76 -25.43 2.28
CA ASP B 84 9.23 -26.76 2.56
C ASP B 84 8.64 -27.49 1.34
N ASP B 85 9.36 -27.48 0.23
CA ASP B 85 8.96 -28.22 -0.98
C ASP B 85 7.56 -27.83 -1.47
N GLY B 86 7.19 -26.58 -1.26
CA GLY B 86 5.94 -26.08 -1.79
C GLY B 86 4.75 -26.13 -0.84
N GLN B 87 4.94 -26.65 0.37
CA GLN B 87 3.82 -26.68 1.32
C GLN B 87 3.39 -25.27 1.70
N THR B 88 4.37 -24.38 1.79
CA THR B 88 4.11 -22.98 2.04
C THR B 88 4.87 -22.15 1.00
N ARG B 89 4.13 -21.39 0.20
CA ARG B 89 4.73 -20.67 -0.92
C ARG B 89 4.68 -19.15 -0.73
N PHE B 90 5.66 -18.45 -1.29
CA PHE B 90 5.76 -17.01 -1.16
C PHE B 90 6.19 -16.38 -2.46
N THR B 91 5.63 -15.21 -2.76
CA THR B 91 5.93 -14.50 -4.01
C THR B 91 7.33 -13.90 -4.03
N ASP B 92 7.82 -13.48 -2.86
CA ASP B 92 9.13 -12.84 -2.69
C ASP B 92 9.74 -13.22 -1.35
N LEU B 93 11.05 -13.01 -1.19
CA LEU B 93 11.73 -13.33 0.05
C LEU B 93 11.27 -12.39 1.16
N LEU B 94 10.90 -11.18 0.75
CA LEU B 94 10.42 -10.17 1.68
C LEU B 94 9.09 -10.61 2.31
N GLN B 95 8.25 -11.26 1.51
CA GLN B 95 6.98 -11.77 2.01
C GLN B 95 7.23 -12.91 3.01
N LEU B 96 8.20 -13.74 2.69
CA LEU B 96 8.56 -14.88 3.50
C LEU B 96 9.08 -14.39 4.86
N VAL B 97 9.88 -13.33 4.83
CA VAL B 97 10.42 -12.75 6.06
C VAL B 97 9.34 -12.08 6.88
N GLU B 98 8.50 -11.28 6.23
CA GLU B 98 7.45 -10.57 6.95
C GLU B 98 6.47 -11.56 7.60
N PHE B 99 6.22 -12.68 6.92
CA PHE B 99 5.30 -13.71 7.39
C PHE B 99 5.82 -14.45 8.64
N HIS B 100 7.11 -14.74 8.69
CA HIS B 100 7.67 -15.50 9.81
C HIS B 100 8.03 -14.62 10.99
N GLN B 101 7.69 -13.35 10.88
CA GLN B 101 7.78 -12.45 12.02
C GLN B 101 6.50 -12.59 12.83
N LEU B 102 5.50 -13.22 12.22
CA LEU B 102 4.23 -13.43 12.91
C LEU B 102 3.94 -14.91 13.09
N ASN B 103 4.42 -15.73 12.17
CA ASN B 103 4.11 -17.15 12.20
C ASN B 103 5.37 -18.03 12.27
N ARG B 104 5.32 -19.05 13.11
CA ARG B 104 6.47 -19.93 13.30
C ARG B 104 6.77 -20.71 12.03
N GLY B 105 5.74 -21.25 11.40
CA GLY B 105 5.93 -22.06 10.21
C GLY B 105 6.79 -23.27 10.52
N ILE B 106 7.86 -23.47 9.75
CA ILE B 106 8.75 -24.59 10.00
C ILE B 106 9.84 -24.20 10.99
N LEU B 107 9.84 -22.94 11.40
CA LEU B 107 10.87 -22.42 12.30
C LEU B 107 10.60 -22.78 13.77
N PRO B 108 11.67 -22.95 14.56
CA PRO B 108 11.62 -23.24 16.00
C PRO B 108 11.16 -22.02 16.81
N CYS B 109 11.27 -20.84 16.22
CA CYS B 109 10.80 -19.61 16.85
C CYS B 109 10.51 -18.58 15.78
N LEU B 110 9.96 -17.45 16.18
CA LEU B 110 9.68 -16.36 15.26
C LEU B 110 10.95 -15.59 14.91
N LEU B 111 10.92 -14.91 13.77
CA LEU B 111 11.97 -13.99 13.39
C LEU B 111 11.75 -12.71 14.18
N ARG B 112 12.66 -12.39 15.09
CA ARG B 112 12.46 -11.21 15.92
C ARG B 112 13.34 -10.01 15.51
N HIS B 113 14.63 -10.24 15.32
CA HIS B 113 15.54 -9.12 15.09
C HIS B 113 16.30 -9.30 13.79
N CYS B 114 16.39 -8.25 13.00
CA CYS B 114 17.14 -8.32 11.75
C CYS B 114 18.63 -8.18 12.06
N CYS B 115 19.42 -9.04 11.44
CA CYS B 115 20.86 -8.96 11.57
C CYS B 115 21.33 -8.16 10.36
N THR B 116 22.01 -7.04 10.61
CA THR B 116 22.34 -6.11 9.55
C THR B 116 23.80 -6.18 9.06
N ARG B 117 24.07 -5.47 7.97
CA ARG B 117 25.38 -5.51 7.33
C ARG B 117 26.42 -4.65 8.01
N GLN C 17 8.76 -0.54 0.51
CA GLN C 17 9.19 0.26 -0.63
C GLN C 17 10.70 0.40 -0.66
N LEU C 18 11.26 0.59 -1.85
CA LEU C 18 12.70 0.68 -2.02
C LEU C 18 13.33 1.90 -1.34
N TRP C 19 12.60 3.02 -1.34
CA TRP C 19 13.14 4.26 -0.82
C TRP C 19 13.02 4.42 0.69
N PHE C 20 12.46 3.42 1.35
CA PHE C 20 12.32 3.46 2.80
C PHE C 20 13.38 2.63 3.49
N HIS C 21 14.12 3.26 4.39
CA HIS C 21 15.29 2.64 5.02
C HIS C 21 15.15 2.46 6.52
N GLY C 22 13.99 2.81 7.05
CA GLY C 22 13.73 2.62 8.44
C GLY C 22 14.62 3.47 9.32
N ARG C 23 15.03 2.91 10.44
CA ARG C 23 15.84 3.63 11.41
C ARG C 23 17.33 3.59 11.05
N ILE C 24 17.79 4.59 10.30
CA ILE C 24 19.20 4.77 10.02
C ILE C 24 19.57 6.20 10.40
N SER C 25 20.86 6.47 10.59
CA SER C 25 21.28 7.80 11.00
C SER C 25 21.31 8.82 9.86
N ARG C 26 21.35 10.09 10.22
CA ARG C 26 21.49 11.14 9.23
C ARG C 26 22.81 10.97 8.49
N GLU C 27 23.85 10.62 9.24
CA GLU C 27 25.17 10.42 8.67
C GLU C 27 25.21 9.21 7.73
N GLU C 28 24.52 8.13 8.11
CA GLU C 28 24.47 6.96 7.24
C GLU C 28 23.73 7.28 5.93
N SER C 29 22.64 8.05 6.01
CA SER C 29 21.89 8.40 4.81
C SER C 29 22.76 9.26 3.90
N GLN C 30 23.59 10.10 4.49
CA GLN C 30 24.50 10.93 3.72
C GLN C 30 25.57 10.08 3.04
N ARG C 31 26.01 9.02 3.69
CA ARG C 31 26.98 8.13 3.06
C ARG C 31 26.32 7.36 1.92
N LEU C 32 25.08 6.93 2.13
CA LEU C 32 24.34 6.14 1.14
C LEU C 32 24.12 6.89 -0.13
N ILE C 33 23.67 8.13 0.02
CA ILE C 33 23.39 8.98 -1.12
C ILE C 33 24.67 9.34 -1.86
N GLY C 34 25.72 9.65 -1.11
CA GLY C 34 27.00 9.99 -1.67
C GLY C 34 27.65 8.87 -2.45
N GLN C 35 27.61 7.67 -1.90
CA GLN C 35 28.16 6.47 -2.54
C GLN C 35 27.44 6.17 -3.84
N GLN C 36 26.17 6.53 -3.88
CA GLN C 36 25.34 6.19 -5.01
C GLN C 36 25.36 7.17 -6.19
N GLY C 37 26.05 8.30 -6.08
CA GLY C 37 26.16 9.15 -7.25
C GLY C 37 25.89 10.63 -7.08
N LEU C 38 25.07 10.99 -6.10
CA LEU C 38 24.75 12.38 -5.81
C LEU C 38 24.02 13.10 -6.95
N VAL C 39 23.22 12.38 -7.72
CA VAL C 39 22.41 13.03 -8.75
C VAL C 39 21.23 13.75 -8.07
N ASP C 40 20.79 14.87 -8.65
CA ASP C 40 19.66 15.60 -8.10
C ASP C 40 18.37 14.78 -8.23
N GLY C 41 17.58 14.75 -7.15
CA GLY C 41 16.35 13.96 -7.16
C GLY C 41 16.54 12.61 -6.51
N LEU C 42 17.79 12.24 -6.27
CA LEU C 42 18.07 11.03 -5.53
C LEU C 42 17.58 11.30 -4.13
N PHE C 43 16.81 10.36 -3.57
CA PHE C 43 16.17 10.56 -2.28
C PHE C 43 15.94 9.24 -1.54
N LEU C 44 15.76 9.35 -0.22
CA LEU C 44 15.26 8.23 0.56
C LEU C 44 14.43 8.75 1.73
N VAL C 45 13.65 7.86 2.35
CA VAL C 45 12.92 8.21 3.55
C VAL C 45 13.39 7.31 4.70
N ARG C 46 13.53 7.88 5.89
CA ARG C 46 14.00 7.12 7.03
C ARG C 46 13.27 7.56 8.30
N GLU C 47 13.41 6.81 9.39
CA GLU C 47 12.91 7.26 10.68
C GLU C 47 13.97 8.13 11.32
N SER C 48 13.55 9.25 11.93
CA SER C 48 14.49 10.17 12.56
C SER C 48 15.05 9.64 13.86
N GLN C 49 16.37 9.68 14.00
CA GLN C 49 17.02 9.31 15.25
C GLN C 49 16.92 10.47 16.24
N ARG C 50 17.04 11.70 15.74
CA ARG C 50 17.00 12.88 16.58
C ARG C 50 15.58 13.24 16.98
N ASN C 51 14.61 12.92 16.12
CA ASN C 51 13.20 13.12 16.44
C ASN C 51 12.32 11.94 16.08
N PRO C 52 12.20 10.96 16.97
CA PRO C 52 11.51 9.68 16.70
C PRO C 52 10.01 9.85 16.43
N GLN C 53 9.51 11.07 16.58
CA GLN C 53 8.11 11.36 16.29
C GLN C 53 7.77 11.20 14.80
N GLY C 54 8.62 11.72 13.93
CA GLY C 54 8.36 11.70 12.50
C GLY C 54 9.32 10.91 11.62
N PHE C 55 9.37 11.27 10.35
CA PHE C 55 10.25 10.63 9.39
C PHE C 55 11.10 11.71 8.78
N VAL C 56 12.16 11.31 8.10
CA VAL C 56 13.02 12.29 7.45
C VAL C 56 13.14 11.92 6.00
N LEU C 57 12.88 12.90 5.15
CA LEU C 57 13.18 12.80 3.73
C LEU C 57 14.60 13.33 3.45
N SER C 58 15.50 12.46 3.05
CA SER C 58 16.84 12.88 2.69
C SER C 58 16.96 12.97 1.17
N LEU C 59 17.19 14.19 0.69
CA LEU C 59 17.15 14.45 -0.74
C LEU C 59 18.45 15.06 -1.23
N CYS C 60 18.88 14.64 -2.40
CA CYS C 60 20.10 15.20 -2.95
C CYS C 60 19.76 16.28 -3.97
N HIS C 61 20.35 17.44 -3.76
CA HIS C 61 20.13 18.61 -4.59
C HIS C 61 21.39 19.44 -4.64
N LEU C 62 21.90 19.68 -5.85
CA LEU C 62 23.12 20.46 -6.05
C LEU C 62 24.29 19.91 -5.25
N GLN C 63 24.48 18.60 -5.30
CA GLN C 63 25.62 17.92 -4.68
C GLN C 63 25.64 18.06 -3.15
N LYS C 64 24.50 18.44 -2.61
CA LYS C 64 24.32 18.56 -1.17
C LYS C 64 23.13 17.68 -0.75
N VAL C 65 23.19 17.13 0.45
CA VAL C 65 22.07 16.34 0.95
C VAL C 65 21.23 17.21 1.88
N LYS C 66 19.97 17.42 1.51
CA LYS C 66 19.07 18.23 2.31
C LYS C 66 18.13 17.30 3.07
N HIS C 67 17.73 17.68 4.27
CA HIS C 67 16.88 16.82 5.07
C HIS C 67 15.56 17.49 5.42
N TYR C 68 14.47 16.85 5.05
CA TYR C 68 13.16 17.43 5.27
C TYR C 68 12.40 16.52 6.19
N LEU C 69 12.06 17.07 7.34
CA LEU C 69 11.37 16.35 8.39
C LEU C 69 9.87 16.21 8.06
N ILE C 70 9.35 15.00 8.25
CA ILE C 70 7.95 14.68 7.99
C ILE C 70 7.26 14.32 9.29
N LEU C 71 6.39 15.20 9.76
CA LEU C 71 5.78 14.97 11.05
C LEU C 71 4.32 14.62 10.97
N PRO C 72 3.91 13.68 11.83
CA PRO C 72 2.48 13.34 11.88
C PRO C 72 1.76 14.38 12.71
N SER C 73 0.48 14.55 12.42
CA SER C 73 -0.32 15.45 13.21
C SER C 73 -1.76 15.02 13.10
N GLU C 74 -2.61 15.58 13.95
CA GLU C 74 -4.02 15.26 13.93
C GLU C 74 -4.83 16.54 13.93
N GLU C 75 -5.70 16.67 12.94
CA GLU C 75 -6.61 17.80 12.87
C GLU C 75 -8.03 17.30 12.59
N GLU C 76 -8.97 17.77 13.38
CA GLU C 76 -10.37 17.42 13.21
C GLU C 76 -10.58 15.93 13.25
N GLY C 77 -9.67 15.23 13.90
CA GLY C 77 -9.77 13.80 14.10
C GLY C 77 -9.17 12.96 12.99
N ARG C 78 -8.49 13.61 12.06
CA ARG C 78 -7.82 12.88 10.99
C ARG C 78 -6.29 12.93 11.15
N LEU C 79 -5.65 11.76 11.08
CA LEU C 79 -4.19 11.72 11.16
C LEU C 79 -3.60 12.03 9.77
N TYR C 80 -2.54 12.83 9.74
CA TYR C 80 -1.87 13.15 8.48
C TYR C 80 -0.38 13.42 8.68
N PHE C 81 0.37 13.32 7.59
CA PHE C 81 1.80 13.64 7.61
C PHE C 81 2.03 14.86 6.77
N SER C 82 3.04 15.64 7.14
CA SER C 82 3.29 16.90 6.48
C SER C 82 4.75 17.30 6.65
N MET C 83 5.27 18.00 5.63
CA MET C 83 6.64 18.49 5.64
C MET C 83 6.68 20.00 5.81
N ASP C 84 5.50 20.62 5.84
CA ASP C 84 5.42 22.08 5.92
C ASP C 84 4.30 22.55 6.86
N ASP C 85 4.20 21.91 8.03
CA ASP C 85 3.26 22.32 9.06
C ASP C 85 1.81 22.35 8.55
N GLY C 86 1.46 21.42 7.68
CA GLY C 86 0.06 21.30 7.31
C GLY C 86 -0.39 21.98 6.05
N GLN C 87 0.50 22.66 5.32
CA GLN C 87 0.09 23.27 4.06
C GLN C 87 -0.32 22.19 3.09
N THR C 88 0.41 21.09 3.09
CA THR C 88 0.01 19.95 2.29
C THR C 88 0.07 18.69 3.16
N ARG C 89 -1.08 18.02 3.29
CA ARG C 89 -1.23 16.90 4.19
C ARG C 89 -1.37 15.58 3.45
N PHE C 90 -0.92 14.49 4.08
CA PHE C 90 -0.95 13.18 3.44
C PHE C 90 -1.32 12.09 4.43
N THR C 91 -2.11 11.11 4.00
CA THR C 91 -2.49 10.01 4.90
C THR C 91 -1.35 9.02 5.09
N ASP C 92 -0.48 8.92 4.09
CA ASP C 92 0.59 7.95 4.17
C ASP C 92 1.87 8.51 3.58
N LEU C 93 2.99 7.88 3.89
CA LEU C 93 4.27 8.31 3.32
C LEU C 93 4.30 7.98 1.85
N LEU C 94 3.61 6.91 1.46
CA LEU C 94 3.58 6.52 0.06
C LEU C 94 2.87 7.59 -0.75
N GLN C 95 1.81 8.14 -0.18
CA GLN C 95 1.07 9.21 -0.82
C GLN C 95 1.92 10.46 -0.95
N LEU C 96 2.71 10.75 0.07
CA LEU C 96 3.56 11.94 0.10
C LEU C 96 4.68 11.89 -0.94
N VAL C 97 5.32 10.74 -1.07
CA VAL C 97 6.40 10.53 -2.02
C VAL C 97 5.86 10.56 -3.44
N GLU C 98 4.74 9.88 -3.66
CA GLU C 98 4.13 9.82 -4.97
C GLU C 98 3.73 11.22 -5.45
N PHE C 99 3.28 12.06 -4.52
CA PHE C 99 2.87 13.42 -4.87
C PHE C 99 4.06 14.26 -5.32
N HIS C 100 5.19 14.09 -4.63
CA HIS C 100 6.38 14.90 -4.87
C HIS C 100 7.23 14.35 -5.99
N GLN C 101 6.71 13.36 -6.71
CA GLN C 101 7.31 12.93 -7.95
C GLN C 101 6.77 13.78 -9.08
N LEU C 102 5.68 14.51 -8.82
CA LEU C 102 5.12 15.41 -9.82
C LEU C 102 5.11 16.85 -9.35
N ASN C 103 5.09 17.05 -8.04
CA ASN C 103 5.03 18.39 -7.48
C ASN C 103 6.19 18.72 -6.54
N ARG C 104 6.77 19.90 -6.68
CA ARG C 104 7.90 20.28 -5.84
C ARG C 104 7.52 20.51 -4.39
N GLY C 105 6.44 21.27 -4.19
CA GLY C 105 6.03 21.64 -2.85
C GLY C 105 7.12 22.46 -2.21
N ILE C 106 7.58 22.05 -1.03
CA ILE C 106 8.64 22.80 -0.38
C ILE C 106 10.03 22.31 -0.79
N LEU C 107 10.06 21.29 -1.65
CA LEU C 107 11.34 20.72 -2.09
C LEU C 107 11.92 21.55 -3.22
N PRO C 108 13.25 21.61 -3.30
CA PRO C 108 13.97 22.35 -4.33
C PRO C 108 13.89 21.68 -5.69
N CYS C 109 13.56 20.39 -5.73
CA CYS C 109 13.36 19.67 -6.99
C CYS C 109 12.44 18.48 -6.77
N LEU C 110 12.10 17.77 -7.85
CA LEU C 110 11.26 16.58 -7.74
C LEU C 110 12.04 15.32 -7.28
N LEU C 111 11.29 14.37 -6.73
CA LEU C 111 11.85 13.09 -6.37
C LEU C 111 11.99 12.22 -7.62
N ARG C 112 13.22 11.97 -8.04
CA ARG C 112 13.51 11.22 -9.27
C ARG C 112 14.02 9.81 -9.05
N HIS C 113 14.97 9.64 -8.15
CA HIS C 113 15.60 8.32 -8.02
C HIS C 113 15.57 7.78 -6.60
N CYS C 114 15.18 6.51 -6.45
CA CYS C 114 15.20 5.89 -5.13
C CYS C 114 16.63 5.50 -4.81
N CYS C 115 17.05 5.82 -3.60
CA CYS C 115 18.39 5.47 -3.15
C CYS C 115 18.37 4.17 -2.36
N THR C 116 19.07 3.14 -2.85
CA THR C 116 19.07 1.81 -2.23
C THR C 116 20.43 1.43 -1.59
N ARG C 117 20.46 0.30 -0.89
CA ARG C 117 21.67 -0.14 -0.19
C ARG C 117 22.71 -0.94 -0.98
N VAL C 118 22.27 -1.79 -1.91
CA VAL C 118 23.18 -2.74 -2.57
C VAL C 118 24.31 -2.05 -3.33
N ALA D 12 -7.73 4.39 -16.07
CA ALA D 12 -8.88 3.50 -16.04
C ALA D 12 -9.19 3.06 -14.62
N ILE D 13 -8.29 3.37 -13.69
CA ILE D 13 -8.47 2.98 -12.28
C ILE D 13 -9.67 3.69 -11.65
N HIS D 14 -9.91 4.92 -12.11
CA HIS D 14 -10.96 5.77 -11.58
C HIS D 14 -12.35 5.35 -12.03
N ARG D 15 -12.40 4.34 -12.88
CA ARG D 15 -13.57 4.07 -13.68
C ARG D 15 -14.48 3.07 -13.00
N THR D 16 -13.95 2.45 -11.94
CA THR D 16 -14.71 1.50 -11.14
C THR D 16 -14.85 1.96 -9.68
N GLN D 17 -14.52 3.22 -9.40
CA GLN D 17 -14.68 3.77 -8.06
C GLN D 17 -16.14 4.17 -7.79
N LEU D 18 -16.54 4.17 -6.53
CA LEU D 18 -17.93 4.47 -6.20
C LEU D 18 -18.29 5.92 -6.56
N TRP D 19 -17.35 6.83 -6.41
CA TRP D 19 -17.64 8.25 -6.62
C TRP D 19 -17.57 8.69 -8.10
N PHE D 20 -17.26 7.75 -8.99
CA PHE D 20 -17.24 8.04 -10.42
C PHE D 20 -18.50 7.55 -11.11
N HIS D 21 -19.20 8.46 -11.76
CA HIS D 21 -20.52 8.17 -12.30
C HIS D 21 -20.50 8.13 -13.82
N GLY D 22 -19.31 8.24 -14.40
CA GLY D 22 -19.17 8.15 -15.84
C GLY D 22 -19.79 9.32 -16.59
N ARG D 23 -20.39 9.01 -17.72
CA ARG D 23 -20.98 10.03 -18.57
C ARG D 23 -22.39 10.42 -18.13
N ILE D 24 -22.48 11.40 -17.23
CA ILE D 24 -23.76 12.00 -16.87
C ILE D 24 -23.70 13.53 -16.96
N SER D 25 -24.87 14.15 -17.05
CA SER D 25 -24.97 15.59 -17.20
C SER D 25 -24.75 16.33 -15.89
N ARG D 26 -24.58 17.64 -16.00
CA ARG D 26 -24.43 18.49 -14.85
C ARG D 26 -25.66 18.49 -13.96
N GLU D 27 -26.85 18.53 -14.55
CA GLU D 27 -28.09 18.53 -13.77
C GLU D 27 -28.32 17.20 -13.05
N GLU D 28 -28.05 16.10 -13.74
CA GLU D 28 -28.22 14.79 -13.12
C GLU D 28 -27.24 14.65 -11.94
N SER D 29 -26.02 15.15 -12.08
CA SER D 29 -25.07 15.08 -10.96
C SER D 29 -25.55 15.93 -9.81
N GLN D 30 -26.18 17.05 -10.13
CA GLN D 30 -26.72 17.94 -9.09
C GLN D 30 -27.89 17.30 -8.36
N ARG D 31 -28.71 16.56 -9.10
CA ARG D 31 -29.85 15.87 -8.50
C ARG D 31 -29.31 14.77 -7.58
N LEU D 32 -28.25 14.12 -8.02
CA LEU D 32 -27.61 13.02 -7.28
C LEU D 32 -27.02 13.53 -5.95
N ILE D 33 -26.35 14.67 -6.00
CA ILE D 33 -25.80 15.28 -4.79
C ILE D 33 -26.94 15.70 -3.88
N GLY D 34 -27.98 16.26 -4.50
CA GLY D 34 -29.15 16.72 -3.77
C GLY D 34 -29.88 15.60 -3.06
N GLN D 35 -30.09 14.49 -3.75
CA GLN D 35 -30.80 13.36 -3.14
C GLN D 35 -30.04 12.81 -1.93
N GLN D 36 -28.71 12.92 -1.94
CA GLN D 36 -27.89 12.38 -0.86
C GLN D 36 -27.74 13.35 0.32
N GLY D 37 -28.28 14.56 0.21
CA GLY D 37 -28.25 15.44 1.37
C GLY D 37 -27.84 16.90 1.26
N LEU D 38 -27.04 17.27 0.26
CA LEU D 38 -26.58 18.66 0.13
C LEU D 38 -25.77 19.07 1.34
N VAL D 39 -25.08 18.11 1.92
CA VAL D 39 -24.13 18.39 2.98
C VAL D 39 -22.82 18.91 2.36
N ASP D 40 -22.09 19.76 3.08
CA ASP D 40 -20.81 20.26 2.58
C ASP D 40 -19.79 19.14 2.45
N GLY D 41 -19.10 19.12 1.33
CA GLY D 41 -18.09 18.12 1.06
C GLY D 41 -18.58 16.95 0.24
N LEU D 42 -19.89 16.85 0.06
CA LEU D 42 -20.47 15.79 -0.75
C LEU D 42 -20.02 16.02 -2.19
N PHE D 43 -19.55 14.96 -2.85
CA PHE D 43 -18.95 15.11 -4.18
C PHE D 43 -19.10 13.84 -5.01
N LEU D 44 -18.93 14.00 -6.33
CA LEU D 44 -18.83 12.88 -7.26
C LEU D 44 -17.92 13.30 -8.39
N VAL D 45 -17.45 12.35 -9.18
CA VAL D 45 -16.69 12.69 -10.37
C VAL D 45 -17.34 12.08 -11.61
N ARG D 46 -17.35 12.83 -12.69
CA ARG D 46 -17.99 12.40 -13.93
C ARG D 46 -17.21 12.83 -15.16
N GLU D 47 -17.61 12.32 -16.31
CA GLU D 47 -17.04 12.78 -17.57
C GLU D 47 -17.76 14.06 -18.00
N SER D 48 -16.98 15.05 -18.44
CA SER D 48 -17.51 16.34 -18.88
C SER D 48 -18.21 16.24 -20.23
N GLN D 49 -19.44 16.74 -20.32
CA GLN D 49 -20.13 16.74 -21.60
C GLN D 49 -19.58 17.84 -22.51
N ARG D 50 -19.20 18.98 -21.90
CA ARG D 50 -18.68 20.12 -22.64
C ARG D 50 -17.20 19.98 -23.02
N ASN D 51 -16.45 19.21 -22.23
CA ASN D 51 -15.05 18.96 -22.49
C ASN D 51 -14.81 17.46 -22.44
N PRO D 52 -15.05 16.75 -23.56
CA PRO D 52 -14.98 15.29 -23.53
C PRO D 52 -13.57 14.74 -23.32
N GLN D 53 -12.55 15.59 -23.43
CA GLN D 53 -11.19 15.18 -23.14
C GLN D 53 -11.04 14.94 -21.63
N GLY D 54 -11.66 15.80 -20.81
CA GLY D 54 -11.50 15.73 -19.37
C GLY D 54 -12.69 15.36 -18.49
N PHE D 55 -12.57 15.69 -17.20
CA PHE D 55 -13.55 15.29 -16.19
C PHE D 55 -14.05 16.45 -15.35
N VAL D 56 -15.14 16.22 -14.63
CA VAL D 56 -15.69 17.26 -13.76
C VAL D 56 -15.80 16.73 -12.32
N LEU D 57 -15.25 17.48 -11.39
CA LEU D 57 -15.47 17.21 -9.98
C LEU D 57 -16.69 18.02 -9.56
N SER D 58 -17.78 17.35 -9.22
CA SER D 58 -18.98 18.03 -8.74
C SER D 58 -19.05 18.04 -7.22
N LEU D 59 -19.01 19.23 -6.66
CA LEU D 59 -18.90 19.42 -5.23
C LEU D 59 -20.01 20.28 -4.65
N CYS D 60 -20.50 19.90 -3.47
CA CYS D 60 -21.52 20.65 -2.78
C CYS D 60 -20.91 21.52 -1.68
N HIS D 61 -21.28 22.78 -1.64
CA HIS D 61 -20.76 23.67 -0.63
C HIS D 61 -21.64 24.87 -0.38
N LEU D 62 -22.09 24.97 0.84
CA LEU D 62 -23.02 26.00 1.29
C LEU D 62 -24.35 25.94 0.54
N GLN D 63 -24.92 24.74 0.44
CA GLN D 63 -26.22 24.52 -0.18
C GLN D 63 -26.19 24.85 -1.67
N LYS D 64 -25.01 24.95 -2.23
CA LYS D 64 -24.83 25.18 -3.66
C LYS D 64 -23.94 24.09 -4.22
N VAL D 65 -24.18 23.70 -5.47
CA VAL D 65 -23.34 22.70 -6.11
C VAL D 65 -22.37 23.35 -7.11
N LYS D 66 -21.07 23.16 -6.86
CA LYS D 66 -20.06 23.74 -7.74
C LYS D 66 -19.41 22.67 -8.61
N HIS D 67 -18.99 23.07 -9.81
CA HIS D 67 -18.37 22.16 -10.75
C HIS D 67 -16.95 22.58 -11.12
N TYR D 68 -16.02 21.65 -10.99
CA TYR D 68 -14.62 21.93 -11.25
C TYR D 68 -14.08 21.08 -12.39
N LEU D 69 -13.56 21.72 -13.42
CA LEU D 69 -13.00 21.01 -14.56
C LEU D 69 -11.67 20.35 -14.21
N ILE D 70 -11.53 19.10 -14.65
CA ILE D 70 -10.28 18.35 -14.49
C ILE D 70 -9.75 18.00 -15.86
N LEU D 71 -8.60 18.57 -16.23
CA LEU D 71 -8.05 18.32 -17.55
C LEU D 71 -6.83 17.41 -17.50
N PRO D 72 -6.76 16.47 -18.45
CA PRO D 72 -5.61 15.58 -18.56
C PRO D 72 -4.48 16.27 -19.29
N SER D 73 -3.25 15.85 -19.05
CA SER D 73 -2.12 16.42 -19.77
C SER D 73 -0.94 15.45 -19.82
N GLU D 74 0.05 15.76 -20.66
CA GLU D 74 1.21 14.90 -20.83
C GLU D 74 2.52 15.69 -20.74
N GLU D 75 3.43 15.22 -19.89
CA GLU D 75 4.75 15.81 -19.79
C GLU D 75 5.79 14.70 -19.88
N GLU D 76 6.75 14.89 -20.79
CA GLU D 76 7.85 13.93 -21.01
C GLU D 76 7.30 12.58 -21.48
N ARG D 78 4.33 11.09 -20.08
CA ARG D 78 3.52 10.59 -18.97
C ARG D 78 2.25 11.45 -18.75
N LEU D 79 1.10 10.79 -18.62
CA LEU D 79 -0.17 11.49 -18.42
C LEU D 79 -0.38 11.95 -16.99
N TYR D 80 -0.98 13.13 -16.83
CA TYR D 80 -1.33 13.62 -15.51
C TYR D 80 -2.58 14.51 -15.55
N PHE D 81 -3.25 14.63 -14.41
CA PHE D 81 -4.46 15.42 -14.33
C PHE D 81 -4.28 16.65 -13.46
N SER D 82 -5.06 17.70 -13.76
CA SER D 82 -4.96 18.96 -13.06
C SER D 82 -6.27 19.76 -13.14
N MET D 83 -6.53 20.52 -12.09
CA MET D 83 -7.69 21.42 -12.01
C MET D 83 -7.28 22.89 -12.09
N ASP D 84 -5.99 23.15 -12.19
CA ASP D 84 -5.49 24.53 -12.22
C ASP D 84 -4.40 24.72 -13.25
N ASP D 85 -4.59 24.14 -14.44
CA ASP D 85 -3.65 24.30 -15.56
C ASP D 85 -2.21 23.86 -15.25
N GLY D 86 -2.06 22.80 -14.46
CA GLY D 86 -0.75 22.20 -14.26
C GLY D 86 0.01 22.65 -13.02
N GLN D 87 -0.58 23.58 -12.28
CA GLN D 87 0.03 24.06 -11.05
C GLN D 87 0.10 22.95 -9.99
N THR D 88 -0.89 22.06 -9.99
CA THR D 88 -0.91 20.88 -9.12
C THR D 88 -1.20 19.66 -9.98
N ARG D 89 -0.30 18.68 -9.99
CA ARG D 89 -0.46 17.56 -10.90
C ARG D 89 -0.73 16.25 -10.17
N PHE D 90 -1.48 15.36 -10.82
CA PHE D 90 -1.84 14.07 -10.23
C PHE D 90 -1.73 12.99 -11.28
N THR D 91 -1.25 11.81 -10.89
CA THR D 91 -1.10 10.69 -11.82
C THR D 91 -2.43 10.03 -12.17
N ASP D 92 -3.38 10.08 -11.25
CA ASP D 92 -4.68 9.44 -11.45
C ASP D 92 -5.81 10.27 -10.81
N LEU D 93 -7.05 10.00 -11.19
CA LEU D 93 -8.17 10.73 -10.58
C LEU D 93 -8.30 10.32 -9.13
N LEU D 94 -7.91 9.09 -8.83
CA LEU D 94 -7.97 8.58 -7.47
C LEU D 94 -7.01 9.35 -6.56
N GLN D 95 -5.83 9.68 -7.08
CA GLN D 95 -4.87 10.45 -6.30
C GLN D 95 -5.38 11.87 -6.02
N LEU D 96 -6.01 12.47 -7.02
CA LEU D 96 -6.53 13.84 -6.88
C LEU D 96 -7.63 13.88 -5.81
N VAL D 97 -8.50 12.89 -5.85
CA VAL D 97 -9.59 12.81 -4.92
C VAL D 97 -9.07 12.53 -3.52
N GLU D 98 -8.12 11.60 -3.40
CA GLU D 98 -7.58 11.26 -2.07
C GLU D 98 -6.88 12.49 -1.47
N PHE D 99 -6.24 13.27 -2.33
CA PHE D 99 -5.53 14.47 -1.90
C PHE D 99 -6.47 15.56 -1.41
N HIS D 100 -7.59 15.74 -2.08
CA HIS D 100 -8.49 16.82 -1.70
C HIS D 100 -9.41 16.41 -0.56
N GLN D 101 -9.21 15.20 -0.05
CA GLN D 101 -9.90 14.78 1.15
C GLN D 101 -9.16 15.26 2.40
N LEU D 102 -7.92 15.70 2.22
CA LEU D 102 -7.13 16.27 3.30
C LEU D 102 -6.74 17.70 3.01
N ASN D 103 -6.67 18.06 1.74
CA ASN D 103 -6.27 19.40 1.34
C ASN D 103 -7.33 20.11 0.51
N ARG D 104 -7.58 21.38 0.79
CA ARG D 104 -8.58 22.15 0.05
C ARG D 104 -8.10 22.41 -1.38
N GLY D 105 -6.84 22.79 -1.53
CA GLY D 105 -6.31 23.15 -2.83
C GLY D 105 -7.03 24.39 -3.33
N ILE D 106 -7.59 24.31 -4.53
CA ILE D 106 -8.34 25.44 -5.07
C ILE D 106 -9.82 25.37 -4.68
N LEU D 107 -10.21 24.30 -4.00
CA LEU D 107 -11.61 24.07 -3.61
C LEU D 107 -12.00 24.87 -2.37
N PRO D 108 -13.29 25.24 -2.26
CA PRO D 108 -13.81 25.99 -1.12
C PRO D 108 -13.89 25.16 0.16
N CYS D 109 -13.90 23.84 0.02
CA CYS D 109 -13.98 22.96 1.16
C CYS D 109 -13.37 21.62 0.83
N LEU D 110 -13.25 20.74 1.84
CA LEU D 110 -12.71 19.40 1.62
C LEU D 110 -13.73 18.45 1.04
N LEU D 111 -13.23 17.43 0.36
CA LEU D 111 -14.08 16.35 -0.09
C LEU D 111 -14.33 15.44 1.10
N ARG D 112 -15.57 15.42 1.57
CA ARG D 112 -15.91 14.64 2.75
C ARG D 112 -16.69 13.34 2.44
N HIS D 113 -17.74 13.44 1.62
CA HIS D 113 -18.62 12.29 1.41
C HIS D 113 -18.74 11.88 -0.04
N CYS D 114 -18.65 10.62 -0.32
CA CYS D 114 -18.76 10.17 -1.67
C CYS D 114 -20.21 9.98 -2.03
N CYS D 115 -20.59 10.49 -3.19
CA CYS D 115 -21.95 10.36 -3.66
C CYS D 115 -21.96 9.17 -4.61
N THR D 116 -22.78 8.17 -4.31
CA THR D 116 -22.75 6.91 -5.03
C THR D 116 -23.90 6.77 -6.02
N GLU E 3 -22.06 -17.69 12.57
CA GLU E 3 -23.44 -17.67 12.11
C GLU E 3 -23.54 -18.06 10.63
N GLY E 4 -23.22 -17.14 9.73
CA GLY E 4 -23.11 -17.47 8.32
C GLY E 4 -21.72 -17.36 7.70
N TYR E 5 -20.70 -17.84 8.39
CA TYR E 5 -19.32 -17.83 7.88
C TYR E 5 -18.76 -19.24 7.70
N ASP E 6 -17.96 -19.45 6.65
CA ASP E 6 -17.41 -20.77 6.37
C ASP E 6 -16.29 -21.14 7.33
N ASN E 7 -15.83 -20.17 8.10
CA ASN E 7 -14.81 -20.41 9.13
C ASN E 7 -15.38 -20.30 10.56
N SER E 8 -16.68 -20.62 10.69
CA SER E 8 -17.37 -20.80 11.98
C SER E 8 -17.22 -19.66 12.97
N CYS E 9 -17.40 -18.42 12.53
CA CYS E 9 -17.23 -17.28 13.41
C CYS E 9 -18.52 -16.49 13.59
N SER F 1 -10.94 31.05 -14.76
CA SER F 1 -9.91 30.33 -15.49
C SER F 1 -10.50 29.45 -16.61
N PHE F 2 -11.64 28.81 -16.31
CA PHE F 2 -12.39 28.02 -17.28
C PHE F 2 -13.84 28.48 -17.32
N GLU F 3 -14.31 28.89 -18.50
CA GLU F 3 -15.70 29.34 -18.62
C GLU F 3 -16.67 28.20 -18.26
N GLY F 4 -17.61 28.48 -17.36
CA GLY F 4 -18.62 27.52 -16.98
C GLY F 4 -18.28 26.58 -15.82
N TYR F 5 -17.07 26.70 -15.29
CA TYR F 5 -16.70 25.91 -14.14
C TYR F 5 -16.21 26.84 -13.06
N ASP F 6 -16.09 26.33 -11.84
CA ASP F 6 -15.81 27.18 -10.70
C ASP F 6 -14.34 27.20 -10.29
N ASN F 7 -13.47 26.65 -11.13
CA ASN F 7 -12.01 26.73 -10.92
C ASN F 7 -11.50 28.16 -10.76
N SER F 8 -10.62 28.38 -9.79
CA SER F 8 -9.96 29.67 -9.58
C SER F 8 -9.42 30.28 -10.87
#